data_6JKG
#
_entry.id   6JKG
#
_cell.length_a   49.481
_cell.length_b   58.534
_cell.length_c   75.601
_cell.angle_alpha   90.00
_cell.angle_beta   108.34
_cell.angle_gamma   90.00
#
_symmetry.space_group_name_H-M   'P 1 21 1'
#
loop_
_entity.id
_entity.type
_entity.pdbx_description
1 polymer 'Sterol-4-alpha-carboxylate 3-dehydrogenase, decarboxylating'
2 water water
#
_entity_poly.entity_id   1
_entity_poly.type   'polypeptide(L)'
_entity_poly.pdbx_seq_one_letter_code
;KVNQNQAKRCTVIGGSGFLGQHMVEQLLARGYAVNVFDIQQGFDNPQVRFFLGDLCSRQDLYPALKGVNTVFHCASPPPS
SNNKELFYRVNYIGTKNVIETCKEAGVQKLILTSSASVIFEGVDIKNGTEDLPYAMKPIDYYTETKILQERAVLGANDPE
KNFLTTAIRPHGIFGPRDPQLVPILIEAARNGKMKFVIGNGKNLVDFTFVENVVHGHILAAEQLSRDSTLGGKAFHILEH
HHHHH
;
_entity_poly.pdbx_strand_id   A,B
#
# COMPACT_ATOMS: atom_id res chain seq x y z
N ASN A 5 -34.56 -4.60 5.27
CA ASN A 5 -33.18 -4.13 5.55
C ASN A 5 -32.96 -2.78 4.87
N GLN A 6 -33.15 -1.68 5.59
CA GLN A 6 -32.99 -0.34 4.97
C GLN A 6 -31.62 0.25 5.31
N ALA A 7 -30.68 -0.62 5.71
CA ALA A 7 -29.29 -0.20 5.98
C ALA A 7 -28.37 -0.81 4.92
N LYS A 8 -28.96 -1.41 3.90
CA LYS A 8 -28.16 -2.03 2.82
C LYS A 8 -28.46 -1.26 1.54
N ARG A 9 -29.22 -0.19 1.62
CA ARG A 9 -29.47 0.59 0.38
C ARG A 9 -28.24 1.47 0.20
N CYS A 10 -27.78 1.66 -1.03
CA CYS A 10 -26.56 2.42 -1.24
C CYS A 10 -26.41 2.76 -2.72
N THR A 11 -25.65 3.82 -3.01
CA THR A 11 -25.59 4.35 -4.37
C THR A 11 -24.14 4.52 -4.81
N VAL A 12 -23.88 4.13 -6.06
CA VAL A 12 -22.58 4.34 -6.69
C VAL A 12 -22.69 5.50 -7.68
N ILE A 13 -22.52 6.72 -7.21
CA ILE A 13 -22.30 7.84 -8.11
C ILE A 13 -21.09 7.53 -9.00
N GLY A 14 -21.27 7.70 -10.32
CA GLY A 14 -20.27 7.25 -11.26
C GLY A 14 -20.33 5.77 -11.50
N GLY A 15 -21.50 5.14 -11.31
CA GLY A 15 -21.62 3.70 -11.32
C GLY A 15 -21.55 3.07 -12.70
N SER A 16 -21.67 3.88 -13.76
CA SER A 16 -21.50 3.33 -15.11
C SER A 16 -20.03 3.22 -15.49
N GLY A 17 -19.14 3.86 -14.74
CA GLY A 17 -17.73 3.86 -15.11
C GLY A 17 -17.07 2.51 -14.89
N PHE A 18 -15.83 2.40 -15.38
CA PHE A 18 -15.10 1.13 -15.31
C PHE A 18 -14.95 0.63 -13.88
N LEU A 19 -14.43 1.48 -12.99
CA LEU A 19 -14.40 1.13 -11.58
C LEU A 19 -15.82 0.99 -11.04
N GLY A 20 -16.67 1.99 -11.28
CA GLY A 20 -18.08 1.95 -10.91
C GLY A 20 -18.81 0.69 -11.33
N GLN A 21 -18.60 0.24 -12.58
CA GLN A 21 -19.09 -1.05 -13.03
C GLN A 21 -18.88 -2.12 -11.97
N HIS A 22 -17.61 -2.46 -11.71
CA HIS A 22 -17.27 -3.53 -10.77
C HIS A 22 -17.82 -3.25 -9.37
N MET A 23 -17.87 -1.98 -8.98
CA MET A 23 -18.34 -1.61 -7.66
C MET A 23 -19.74 -2.15 -7.42
N VAL A 24 -20.61 -2.05 -8.44
CA VAL A 24 -22.00 -2.45 -8.29
C VAL A 24 -22.14 -3.96 -8.42
N GLU A 25 -21.32 -4.58 -9.29
CA GLU A 25 -21.38 -6.03 -9.46
C GLU A 25 -21.01 -6.74 -8.17
N GLN A 26 -19.99 -6.25 -7.48
CA GLN A 26 -19.56 -6.85 -6.22
C GLN A 26 -20.54 -6.53 -5.10
N LEU A 27 -21.10 -5.32 -5.11
CA LEU A 27 -22.01 -4.91 -4.05
C LEU A 27 -23.37 -5.62 -4.19
N LEU A 28 -23.70 -6.09 -5.40
CA LEU A 28 -24.88 -6.94 -5.54
C LEU A 28 -24.63 -8.32 -4.94
N ALA A 29 -23.40 -8.82 -5.08
CA ALA A 29 -23.04 -10.15 -4.56
C ALA A 29 -23.19 -10.22 -3.03
N ARG A 30 -22.91 -9.12 -2.33
CA ARG A 30 -23.03 -9.18 -0.87
C ARG A 30 -24.39 -8.67 -0.39
N GLY A 31 -25.36 -8.56 -1.30
CA GLY A 31 -26.73 -8.24 -0.91
C GLY A 31 -27.02 -6.78 -0.60
N TYR A 32 -26.55 -5.88 -1.44
CA TYR A 32 -26.86 -4.47 -1.32
C TYR A 32 -27.84 -4.07 -2.41
N ALA A 33 -28.70 -3.11 -2.10
CA ALA A 33 -29.43 -2.42 -3.15
C ALA A 33 -28.56 -1.30 -3.70
N VAL A 34 -28.55 -1.18 -5.03
CA VAL A 34 -27.67 -0.24 -5.70
C VAL A 34 -28.39 0.63 -6.72
N ASN A 35 -28.67 1.88 -6.38
CA ASN A 35 -28.91 2.87 -7.44
C ASN A 35 -27.57 3.24 -8.07
N VAL A 36 -27.63 3.83 -9.26
CA VAL A 36 -26.42 4.25 -9.97
C VAL A 36 -26.68 5.62 -10.56
N PHE A 37 -25.95 6.62 -10.12
CA PHE A 37 -26.03 7.94 -10.71
C PHE A 37 -24.84 8.13 -11.63
N ASP A 38 -25.12 8.49 -12.88
CA ASP A 38 -24.08 8.82 -13.84
C ASP A 38 -24.68 9.67 -14.96
N ILE A 39 -24.11 9.58 -16.13
CA ILE A 39 -24.69 10.33 -17.27
C ILE A 39 -25.28 9.29 -18.24
N GLN A 40 -24.45 8.40 -18.76
CA GLN A 40 -25.00 7.33 -19.63
C GLN A 40 -25.39 6.14 -18.76
N GLN A 41 -25.99 5.14 -19.40
CA GLN A 41 -26.42 3.90 -18.74
C GLN A 41 -25.41 2.76 -18.93
N GLY A 42 -24.27 3.05 -19.56
CA GLY A 42 -23.13 2.17 -19.66
C GLY A 42 -23.43 0.72 -19.97
N PHE A 43 -23.19 -0.14 -18.99
CA PHE A 43 -23.36 -1.59 -19.17
C PHE A 43 -24.29 -2.08 -18.07
N ASP A 44 -25.52 -2.44 -18.47
CA ASP A 44 -26.68 -2.55 -17.60
C ASP A 44 -26.99 -4.01 -17.25
N ASN A 45 -27.76 -4.18 -16.17
CA ASN A 45 -28.04 -5.41 -15.44
C ASN A 45 -29.35 -5.22 -14.67
N PRO A 46 -30.33 -6.12 -14.86
CA PRO A 46 -31.72 -5.77 -14.49
C PRO A 46 -32.00 -5.74 -13.00
N GLN A 47 -30.97 -5.56 -12.16
CA GLN A 47 -31.14 -5.48 -10.72
C GLN A 47 -30.74 -4.11 -10.16
N VAL A 48 -30.62 -3.10 -11.02
CA VAL A 48 -30.08 -1.80 -10.65
C VAL A 48 -31.01 -0.73 -11.18
N ARG A 49 -31.32 0.27 -10.35
CA ARG A 49 -32.07 1.43 -10.84
C ARG A 49 -31.09 2.53 -11.22
N PHE A 50 -30.68 2.49 -12.49
CA PHE A 50 -29.73 3.45 -13.07
C PHE A 50 -30.30 4.85 -13.19
N PHE A 51 -30.27 5.65 -12.13
CA PHE A 51 -30.54 7.08 -12.31
C PHE A 51 -29.48 7.69 -13.23
N LEU A 52 -29.70 8.94 -13.63
CA LEU A 52 -28.67 9.66 -14.38
C LEU A 52 -29.03 11.14 -14.45
N GLY A 53 -28.00 11.95 -14.69
CA GLY A 53 -28.22 13.37 -14.84
C GLY A 53 -26.91 14.13 -14.80
N ASP A 54 -26.92 15.20 -13.99
CA ASP A 54 -25.75 16.03 -13.78
C ASP A 54 -25.32 15.92 -12.33
N LEU A 55 -24.03 15.69 -12.12
CA LEU A 55 -23.51 15.46 -10.78
C LEU A 55 -23.67 16.68 -9.87
N CYS A 56 -23.62 17.88 -10.45
CA CYS A 56 -23.61 19.12 -9.69
C CYS A 56 -25.01 19.64 -9.40
N SER A 57 -26.04 18.96 -9.88
CA SER A 57 -27.42 19.40 -9.71
C SER A 57 -28.01 18.79 -8.44
N ARG A 58 -28.51 19.65 -7.55
CA ARG A 58 -29.14 19.18 -6.32
C ARG A 58 -30.30 18.23 -6.60
N GLN A 59 -31.00 18.42 -7.73
CA GLN A 59 -32.29 17.79 -7.93
C GLN A 59 -32.22 16.57 -8.84
N ASP A 60 -31.26 16.52 -9.76
CA ASP A 60 -30.98 15.26 -10.44
C ASP A 60 -30.54 14.22 -9.42
N LEU A 61 -29.81 14.68 -8.41
CA LEU A 61 -29.01 13.80 -7.57
C LEU A 61 -29.81 13.33 -6.36
N TYR A 62 -30.65 14.20 -5.80
CA TYR A 62 -31.33 13.88 -4.55
C TYR A 62 -32.19 12.61 -4.66
N PRO A 63 -33.10 12.49 -5.66
CA PRO A 63 -33.87 11.23 -5.79
C PRO A 63 -33.00 10.00 -5.89
N ALA A 64 -31.80 10.15 -6.48
CA ALA A 64 -30.91 9.01 -6.59
C ALA A 64 -30.38 8.58 -5.22
N LEU A 65 -30.30 9.52 -4.27
CA LEU A 65 -29.75 9.23 -2.95
C LEU A 65 -30.82 9.02 -1.88
N LYS A 66 -32.04 9.50 -2.09
CA LYS A 66 -33.01 9.43 -1.00
C LYS A 66 -33.37 7.98 -0.74
N GLY A 67 -33.29 7.57 0.52
CA GLY A 67 -33.65 6.22 0.91
C GLY A 67 -32.49 5.29 1.19
N VAL A 68 -31.28 5.65 0.75
CA VAL A 68 -30.12 4.76 0.81
C VAL A 68 -29.27 5.09 2.03
N ASN A 69 -28.31 4.19 2.31
CA ASN A 69 -27.54 4.22 3.54
C ASN A 69 -26.10 4.70 3.34
N THR A 70 -25.49 4.31 2.22
CA THR A 70 -24.07 4.46 1.97
C THR A 70 -23.86 5.00 0.57
N VAL A 71 -23.09 6.06 0.44
CA VAL A 71 -22.78 6.57 -0.89
C VAL A 71 -21.32 6.28 -1.23
N PHE A 72 -21.13 5.68 -2.40
CA PHE A 72 -19.82 5.40 -2.98
C PHE A 72 -19.65 6.38 -4.13
N HIS A 73 -18.81 7.40 -3.92
CA HIS A 73 -18.52 8.37 -4.98
C HIS A 73 -17.28 7.90 -5.71
N CYS A 74 -17.40 7.73 -7.03
CA CYS A 74 -16.23 7.65 -7.90
C CYS A 74 -16.54 8.22 -9.27
N ALA A 75 -17.11 9.43 -9.34
CA ALA A 75 -17.34 10.08 -10.61
C ALA A 75 -16.25 11.12 -10.86
N SER A 76 -15.21 10.72 -11.59
CA SER A 76 -14.12 11.64 -11.91
C SER A 76 -13.92 11.70 -13.41
N PRO A 77 -13.69 12.88 -13.98
CA PRO A 77 -13.41 12.97 -15.41
C PRO A 77 -12.10 12.27 -15.73
N PRO A 78 -11.93 11.82 -16.97
CA PRO A 78 -10.64 11.26 -17.37
C PRO A 78 -9.53 12.27 -17.17
N PRO A 79 -8.46 11.91 -16.46
CA PRO A 79 -7.33 12.85 -16.30
C PRO A 79 -6.67 13.18 -17.62
N SER A 80 -6.90 12.40 -18.66
CA SER A 80 -6.38 12.63 -20.00
C SER A 80 -7.11 13.76 -20.74
N SER A 81 -8.35 14.06 -20.37
CA SER A 81 -9.09 15.16 -20.99
C SER A 81 -8.28 16.44 -21.01
N ASN A 82 -7.71 16.82 -19.87
CA ASN A 82 -7.08 18.10 -19.60
C ASN A 82 -7.98 19.29 -19.93
N ASN A 83 -9.29 19.13 -19.90
CA ASN A 83 -10.16 20.30 -19.78
C ASN A 83 -10.04 20.81 -18.36
N LYS A 84 -9.28 21.89 -18.19
CA LYS A 84 -8.85 22.31 -16.86
C LYS A 84 -10.04 22.59 -15.95
N GLU A 85 -10.99 23.39 -16.43
CA GLU A 85 -12.10 23.83 -15.59
C GLU A 85 -13.16 22.75 -15.42
N LEU A 86 -13.20 21.78 -16.33
CA LEU A 86 -14.03 20.59 -16.13
C LEU A 86 -13.64 19.85 -14.86
N PHE A 87 -12.34 19.55 -14.71
CA PHE A 87 -11.84 18.96 -13.47
C PHE A 87 -12.29 19.74 -12.25
N TYR A 88 -12.32 21.07 -12.36
CA TYR A 88 -12.77 21.91 -11.25
C TYR A 88 -14.28 21.81 -11.06
N ARG A 89 -15.02 21.70 -12.17
CA ARG A 89 -16.45 21.49 -12.10
C ARG A 89 -16.76 20.22 -11.31
N VAL A 90 -16.33 19.09 -11.86
CA VAL A 90 -16.82 17.77 -11.44
C VAL A 90 -16.20 17.37 -10.11
N ASN A 91 -14.88 17.52 -9.98
CA ASN A 91 -14.21 16.99 -8.82
C ASN A 91 -14.51 17.82 -7.58
N TYR A 92 -14.53 19.14 -7.71
CA TYR A 92 -14.70 20.03 -6.56
C TYR A 92 -16.18 20.35 -6.33
N ILE A 93 -16.72 21.26 -7.15
CA ILE A 93 -18.07 21.76 -6.94
C ILE A 93 -19.10 20.63 -6.92
N GLY A 94 -19.05 19.74 -7.92
CA GLY A 94 -19.91 18.57 -7.93
C GLY A 94 -19.91 17.83 -6.61
N THR A 95 -18.70 17.60 -6.05
CA THR A 95 -18.56 16.87 -4.80
C THR A 95 -19.22 17.61 -3.63
N LYS A 96 -19.02 18.93 -3.57
CA LYS A 96 -19.74 19.74 -2.60
C LYS A 96 -21.23 19.46 -2.67
N ASN A 97 -21.76 19.44 -3.87
CA ASN A 97 -23.16 19.09 -4.05
C ASN A 97 -23.43 17.65 -3.66
N VAL A 98 -22.50 16.73 -3.91
CA VAL A 98 -22.62 15.40 -3.34
C VAL A 98 -22.70 15.46 -1.81
N ILE A 99 -21.81 16.25 -1.21
CA ILE A 99 -21.72 16.31 0.25
C ILE A 99 -23.05 16.78 0.85
N GLU A 100 -23.63 17.86 0.32
CA GLU A 100 -24.82 18.40 0.94
C GLU A 100 -26.04 17.53 0.67
N THR A 101 -26.22 17.08 -0.57
CA THR A 101 -27.30 16.14 -0.86
C THR A 101 -27.21 14.89 0.02
N CYS A 102 -25.99 14.48 0.37
CA CYS A 102 -25.82 13.37 1.30
C CYS A 102 -26.30 13.73 2.70
N LYS A 103 -26.13 15.00 3.09
CA LYS A 103 -26.69 15.47 4.36
C LYS A 103 -28.15 15.84 4.21
N GLU A 104 -28.55 16.30 3.00
CA GLU A 104 -29.93 16.69 2.76
C GLU A 104 -30.85 15.48 2.67
N ALA A 105 -30.27 14.29 2.50
CA ALA A 105 -31.01 13.04 2.55
C ALA A 105 -30.64 12.18 3.76
N GLY A 106 -29.82 12.70 4.67
CA GLY A 106 -29.42 11.93 5.84
C GLY A 106 -28.72 10.62 5.51
N VAL A 107 -27.83 10.66 4.51
CA VAL A 107 -27.05 9.50 4.11
C VAL A 107 -25.99 9.25 5.18
N GLN A 108 -25.77 7.97 5.53
CA GLN A 108 -25.04 7.65 6.75
C GLN A 108 -23.52 7.70 6.53
N LYS A 109 -23.02 7.03 5.49
CA LYS A 109 -21.60 7.09 5.17
C LYS A 109 -21.40 7.48 3.72
N LEU A 110 -20.23 8.03 3.44
CA LEU A 110 -19.79 8.39 2.10
C LEU A 110 -18.35 7.92 1.91
N ILE A 111 -18.14 7.09 0.92
CA ILE A 111 -16.75 6.65 0.61
C ILE A 111 -16.33 7.34 -0.67
N LEU A 112 -15.35 8.21 -0.60
CA LEU A 112 -14.89 8.88 -1.82
C LEU A 112 -13.74 8.07 -2.40
N THR A 113 -13.69 7.93 -3.71
CA THR A 113 -12.55 7.24 -4.33
C THR A 113 -11.57 8.35 -4.74
N SER A 114 -10.46 8.49 -4.01
CA SER A 114 -9.48 9.57 -4.21
C SER A 114 -8.40 9.20 -5.24
N SER A 115 -7.22 9.81 -5.13
CA SER A 115 -6.10 9.52 -6.07
C SER A 115 -4.79 9.37 -5.30
N ALA A 116 -4.09 8.28 -5.51
CA ALA A 116 -2.81 8.08 -4.83
C ALA A 116 -1.86 9.26 -5.01
N SER A 117 -1.96 9.97 -6.13
CA SER A 117 -1.05 11.10 -6.35
C SER A 117 -1.40 12.32 -5.52
N VAL A 118 -2.49 12.30 -4.75
CA VAL A 118 -2.78 13.46 -3.91
C VAL A 118 -1.81 13.55 -2.72
N ILE A 119 -0.91 12.60 -2.65
CA ILE A 119 0.11 12.55 -1.57
C ILE A 119 1.23 13.52 -1.93
N PHE A 120 1.27 13.99 -3.17
CA PHE A 120 2.43 14.83 -3.57
C PHE A 120 2.26 16.27 -3.11
N GLU A 121 2.51 16.54 -1.83
CA GLU A 121 2.55 17.93 -1.38
C GLU A 121 3.81 18.17 -0.54
N PRO A 138 4.50 21.95 -10.39
CA PRO A 138 4.55 21.07 -11.57
C PRO A 138 3.71 19.80 -11.41
N ILE A 139 2.47 19.98 -10.95
CA ILE A 139 1.52 18.89 -10.78
C ILE A 139 0.24 19.24 -11.53
N ASP A 140 -0.42 18.22 -12.09
CA ASP A 140 -1.60 18.44 -12.91
C ASP A 140 -2.65 19.24 -12.16
N TYR A 141 -3.29 20.17 -12.86
CA TYR A 141 -4.50 20.74 -12.32
C TYR A 141 -5.50 19.66 -11.93
N TYR A 142 -5.43 18.50 -12.60
CA TYR A 142 -6.29 17.38 -12.23
C TYR A 142 -6.11 17.04 -10.76
N THR A 143 -4.91 16.62 -10.38
CA THR A 143 -4.62 16.29 -8.98
C THR A 143 -5.01 17.43 -8.04
N GLU A 144 -4.71 18.67 -8.41
CA GLU A 144 -5.10 19.78 -7.54
C GLU A 144 -6.58 19.74 -7.22
N THR A 145 -7.41 19.44 -8.22
CA THR A 145 -8.83 19.27 -7.97
C THR A 145 -9.09 18.02 -7.14
N LYS A 146 -8.29 16.96 -7.38
CA LYS A 146 -8.40 15.75 -6.57
C LYS A 146 -8.10 16.02 -5.11
N ILE A 147 -7.22 16.99 -4.82
CA ILE A 147 -6.93 17.34 -3.43
C ILE A 147 -8.07 18.16 -2.84
N LEU A 148 -8.54 19.14 -3.61
CA LEU A 148 -9.74 19.88 -3.22
C LEU A 148 -10.86 18.93 -2.87
N GLN A 149 -11.14 17.97 -3.76
CA GLN A 149 -12.25 17.04 -3.57
C GLN A 149 -12.11 16.23 -2.27
N GLU A 150 -10.89 15.97 -1.83
CA GLU A 150 -10.72 15.12 -0.65
C GLU A 150 -10.80 15.90 0.66
N ARG A 151 -10.24 17.11 0.67
CA ARG A 151 -10.31 17.93 1.87
C ARG A 151 -11.75 18.24 2.22
N ALA A 152 -12.55 18.56 1.21
CA ALA A 152 -13.99 18.67 1.39
C ALA A 152 -14.56 17.40 2.01
N VAL A 153 -14.45 16.27 1.29
CA VAL A 153 -15.05 15.02 1.75
C VAL A 153 -14.58 14.66 3.15
N LEU A 154 -13.27 14.68 3.38
CA LEU A 154 -12.74 14.36 4.70
C LEU A 154 -13.05 15.46 5.69
N GLY A 155 -13.28 16.68 5.22
CA GLY A 155 -13.68 17.77 6.10
C GLY A 155 -15.12 17.71 6.55
N ALA A 156 -15.96 16.91 5.88
CA ALA A 156 -17.32 16.69 6.32
C ALA A 156 -17.49 15.41 7.13
N ASN A 157 -16.53 15.08 7.99
CA ASN A 157 -16.70 13.95 8.90
C ASN A 157 -17.26 14.49 10.20
N ASP A 158 -18.59 14.41 10.35
CA ASP A 158 -19.26 14.82 11.58
C ASP A 158 -19.75 13.57 12.29
N PRO A 159 -18.96 13.00 13.20
CA PRO A 159 -19.43 11.80 13.92
C PRO A 159 -20.67 12.06 14.74
N GLU A 160 -20.80 13.24 15.34
CA GLU A 160 -21.98 13.56 16.14
C GLU A 160 -23.24 13.59 15.28
N LYS A 161 -23.19 14.27 14.13
CA LYS A 161 -24.28 14.23 13.17
C LYS A 161 -24.50 12.82 12.61
N ASN A 162 -23.58 11.90 12.88
CA ASN A 162 -23.56 10.50 12.44
C ASN A 162 -23.40 10.40 10.93
N PHE A 163 -22.81 11.39 10.30
CA PHE A 163 -22.42 11.35 8.89
C PHE A 163 -20.91 11.05 8.88
N LEU A 164 -20.53 9.89 8.34
CA LEU A 164 -19.13 9.46 8.34
C LEU A 164 -18.56 9.36 6.91
N THR A 165 -17.34 9.87 6.73
CA THR A 165 -16.71 9.93 5.41
C THR A 165 -15.30 9.34 5.42
N THR A 166 -14.94 8.70 4.31
CA THR A 166 -13.54 8.40 4.05
C THR A 166 -13.24 8.64 2.58
N ALA A 167 -11.95 8.59 2.27
CA ALA A 167 -11.44 8.57 0.91
C ALA A 167 -10.42 7.45 0.79
N ILE A 168 -10.56 6.63 -0.25
CA ILE A 168 -9.57 5.66 -0.68
C ILE A 168 -8.79 6.23 -1.85
N ARG A 169 -7.49 5.96 -1.91
CA ARG A 169 -6.58 6.53 -2.92
C ARG A 169 -6.00 5.45 -3.81
N PRO A 170 -6.71 5.04 -4.86
CA PRO A 170 -6.13 4.10 -5.83
C PRO A 170 -5.20 4.85 -6.77
N HIS A 171 -4.47 4.07 -7.56
CA HIS A 171 -3.43 4.60 -8.48
C HIS A 171 -3.86 4.70 -9.94
N GLY A 172 -4.48 3.67 -10.50
CA GLY A 172 -4.81 3.76 -11.92
C GLY A 172 -6.28 3.98 -12.21
N ILE A 173 -6.87 5.03 -11.63
CA ILE A 173 -8.32 5.32 -11.81
C ILE A 173 -9.11 4.02 -11.55
N PRO A 179 2.00 10.15 -15.93
CA PRO A 179 2.11 9.77 -14.52
C PRO A 179 3.60 9.64 -14.14
N GLN A 180 4.30 10.76 -14.10
CA GLN A 180 5.75 10.76 -13.84
C GLN A 180 6.12 10.21 -12.47
N LEU A 181 5.35 10.51 -11.41
CA LEU A 181 5.76 10.06 -10.05
C LEU A 181 4.71 9.16 -9.40
N VAL A 182 5.16 8.08 -8.78
CA VAL A 182 4.31 7.10 -8.10
C VAL A 182 4.88 6.76 -6.72
N PRO A 183 4.04 6.68 -5.68
CA PRO A 183 4.55 6.32 -4.35
C PRO A 183 4.63 4.81 -4.17
N ILE A 184 5.85 4.33 -3.94
CA ILE A 184 6.11 2.89 -3.88
C ILE A 184 6.05 2.38 -2.44
N LEU A 185 6.49 3.20 -1.49
CA LEU A 185 6.59 2.80 -0.09
C LEU A 185 6.05 3.89 0.81
N ILE A 186 5.39 3.49 1.90
CA ILE A 186 4.79 4.41 2.86
C ILE A 186 5.17 3.99 4.27
N GLU A 187 5.65 4.96 5.06
CA GLU A 187 6.19 4.66 6.38
C GLU A 187 5.11 4.09 7.27
N ALA A 188 5.42 2.99 7.95
CA ALA A 188 4.46 2.43 8.90
C ALA A 188 4.76 3.15 10.20
N ALA A 189 3.74 3.59 10.92
CA ALA A 189 3.95 4.38 12.14
C ALA A 189 4.47 3.53 13.31
N ARG A 190 5.04 4.22 14.30
CA ARG A 190 5.55 3.61 15.56
C ARG A 190 4.48 2.65 16.08
N ASN A 191 3.32 3.19 16.45
CA ASN A 191 2.21 2.33 16.94
C ASN A 191 0.94 3.15 17.08
N GLY A 192 -0.19 2.66 16.56
CA GLY A 192 -1.51 3.26 16.79
C GLY A 192 -1.89 4.37 15.86
N LYS A 193 -0.94 5.22 15.45
CA LYS A 193 -1.14 6.43 14.57
C LYS A 193 -1.32 6.11 13.08
N MET A 194 -1.84 4.93 12.76
CA MET A 194 -2.06 4.42 11.42
C MET A 194 -3.15 3.37 11.54
N LYS A 195 -4.31 3.67 10.97
CA LYS A 195 -5.41 2.73 10.87
C LYS A 195 -5.25 1.92 9.60
N PHE A 196 -5.92 0.76 9.58
CA PHE A 196 -5.77 -0.18 8.49
C PHE A 196 -6.99 -1.08 8.47
N VAL A 197 -7.28 -1.65 7.30
CA VAL A 197 -8.46 -2.49 7.11
C VAL A 197 -8.02 -3.90 6.77
N ILE A 198 -8.40 -4.86 7.60
CA ILE A 198 -8.01 -6.24 7.40
C ILE A 198 -8.91 -6.90 6.37
N GLY A 199 -8.31 -7.75 5.53
CA GLY A 199 -9.06 -8.63 4.67
C GLY A 199 -8.68 -10.08 4.93
N ASN A 200 -9.41 -10.97 4.26
CA ASN A 200 -9.15 -12.41 4.35
C ASN A 200 -8.48 -12.81 3.05
N GLY A 201 -7.15 -12.80 3.05
CA GLY A 201 -6.37 -12.76 1.83
C GLY A 201 -6.24 -14.07 1.09
N LYS A 202 -7.26 -14.93 1.15
CA LYS A 202 -7.21 -16.16 0.36
C LYS A 202 -8.24 -16.13 -0.77
N ASN A 203 -9.43 -15.59 -0.51
CA ASN A 203 -10.47 -15.47 -1.53
C ASN A 203 -10.14 -14.43 -2.59
N LEU A 204 -9.19 -13.53 -2.31
CA LEU A 204 -8.85 -12.47 -3.26
C LEU A 204 -7.50 -12.66 -3.92
N VAL A 205 -6.83 -13.80 -3.74
CA VAL A 205 -5.74 -14.16 -4.62
C VAL A 205 -6.25 -14.33 -6.05
N ASP A 206 -7.55 -14.62 -6.21
CA ASP A 206 -8.17 -14.77 -7.52
C ASP A 206 -8.55 -13.41 -8.12
N PHE A 207 -8.99 -12.48 -7.27
CA PHE A 207 -9.49 -11.19 -7.71
C PHE A 207 -8.49 -10.48 -8.63
N THR A 208 -9.00 -9.83 -9.67
CA THR A 208 -8.18 -8.94 -10.50
C THR A 208 -7.82 -7.72 -9.67
N PHE A 209 -6.96 -6.85 -10.21
CA PHE A 209 -6.65 -5.60 -9.49
C PHE A 209 -7.92 -4.81 -9.21
N VAL A 210 -8.75 -4.58 -10.22
CA VAL A 210 -9.98 -3.82 -10.06
C VAL A 210 -10.89 -4.45 -9.02
N GLU A 211 -10.99 -5.79 -9.03
CA GLU A 211 -11.85 -6.48 -8.09
C GLU A 211 -11.40 -6.26 -6.66
N ASN A 212 -10.08 -6.26 -6.43
CA ASN A 212 -9.54 -5.98 -5.10
C ASN A 212 -9.80 -4.54 -4.69
N VAL A 213 -9.49 -3.59 -5.57
CA VAL A 213 -9.80 -2.18 -5.30
C VAL A 213 -11.27 -1.98 -4.93
N VAL A 214 -12.19 -2.71 -5.56
CA VAL A 214 -13.58 -2.65 -5.10
C VAL A 214 -13.68 -3.26 -3.72
N HIS A 215 -13.06 -4.42 -3.53
CA HIS A 215 -13.14 -5.07 -2.21
C HIS A 215 -12.54 -4.19 -1.13
N GLY A 216 -11.68 -3.25 -1.51
CA GLY A 216 -11.18 -2.27 -0.58
C GLY A 216 -12.21 -1.28 -0.08
N HIS A 217 -12.90 -0.60 -1.02
CA HIS A 217 -13.94 0.37 -0.63
C HIS A 217 -15.01 -0.29 0.21
N ILE A 218 -15.43 -1.50 -0.16
CA ILE A 218 -16.53 -2.16 0.54
C ILE A 218 -16.12 -2.46 1.98
N LEU A 219 -14.94 -3.04 2.18
CA LEU A 219 -14.47 -3.33 3.53
C LEU A 219 -14.35 -2.05 4.36
N ALA A 220 -13.81 -0.99 3.76
CA ALA A 220 -13.85 0.33 4.38
C ALA A 220 -15.24 0.65 4.89
N ALA A 221 -16.24 0.46 4.03
CA ALA A 221 -17.61 0.85 4.35
C ALA A 221 -18.17 0.01 5.49
N GLU A 222 -18.10 -1.32 5.37
CA GLU A 222 -18.54 -2.22 6.43
C GLU A 222 -17.78 -2.00 7.74
N GLN A 223 -16.69 -1.25 7.70
CA GLN A 223 -15.95 -0.99 8.93
C GLN A 223 -16.25 0.39 9.50
N LEU A 224 -16.65 1.34 8.64
CA LEU A 224 -17.01 2.66 9.11
C LEU A 224 -18.21 2.59 10.04
N SER A 225 -19.03 1.56 9.89
CA SER A 225 -20.12 1.29 10.83
C SER A 225 -19.60 0.87 12.20
N ARG A 226 -18.71 -0.12 12.24
CA ARG A 226 -18.14 -0.62 13.52
C ARG A 226 -17.28 0.43 14.25
N ASP A 227 -16.40 1.14 13.55
CA ASP A 227 -15.53 2.11 14.25
C ASP A 227 -15.67 3.47 13.58
N SER A 228 -16.04 4.50 14.33
CA SER A 228 -16.19 5.84 13.75
C SER A 228 -14.82 6.48 13.62
N THR A 229 -13.82 5.77 14.11
CA THR A 229 -12.41 6.15 14.08
C THR A 229 -12.00 6.29 12.62
N LEU A 230 -12.51 5.48 11.70
CA LEU A 230 -11.92 5.62 10.37
C LEU A 230 -12.37 6.88 9.67
N GLY A 231 -13.36 7.59 10.21
CA GLY A 231 -13.88 8.76 9.52
C GLY A 231 -12.86 9.88 9.47
N GLY A 232 -12.98 10.73 8.44
CA GLY A 232 -12.00 11.77 8.23
C GLY A 232 -10.59 11.32 7.81
N LYS A 233 -10.42 10.08 7.37
CA LYS A 233 -9.10 9.53 7.12
C LYS A 233 -8.96 9.02 5.70
N ALA A 234 -7.78 9.23 5.12
CA ALA A 234 -7.44 8.74 3.79
C ALA A 234 -6.79 7.37 3.89
N PHE A 235 -6.81 6.62 2.80
CA PHE A 235 -6.17 5.32 2.78
C PHE A 235 -5.50 5.06 1.42
N HIS A 236 -4.39 4.33 1.47
CA HIS A 236 -3.76 3.77 0.29
C HIS A 236 -4.02 2.26 0.27
N ILE A 237 -3.68 1.64 -0.87
CA ILE A 237 -3.90 0.22 -1.10
C ILE A 237 -2.57 -0.52 -1.14
N LEU A 238 -2.40 -1.48 -0.23
CA LEU A 238 -1.21 -2.32 -0.18
C LEU A 238 -1.18 -3.30 -1.36
N GLU A 239 0.03 -3.82 -1.60
CA GLU A 239 0.29 -4.82 -2.62
C GLU A 239 0.18 -6.24 -2.07
N HIS A 240 -0.30 -7.14 -2.90
CA HIS A 240 -0.67 -8.48 -2.45
C HIS A 240 -0.79 -9.40 -3.67
N HIS A 241 -1.24 -10.63 -3.43
CA HIS A 241 -1.43 -11.71 -4.44
C HIS A 241 -0.44 -11.69 -5.61
N GLN B 6 32.67 3.76 -6.41
CA GLN B 6 33.18 2.39 -6.44
C GLN B 6 32.45 1.51 -5.45
N ALA B 7 31.86 2.14 -4.44
CA ALA B 7 31.37 1.44 -3.25
C ALA B 7 29.94 0.94 -3.41
N LYS B 8 29.39 0.97 -4.62
CA LYS B 8 28.05 0.43 -4.88
C LYS B 8 28.07 -1.10 -5.02
N ARG B 9 28.46 -1.78 -3.94
CA ARG B 9 28.53 -3.23 -3.86
C ARG B 9 27.61 -3.67 -2.71
N CYS B 10 27.03 -4.86 -2.82
CA CYS B 10 26.03 -5.27 -1.86
C CYS B 10 26.03 -6.79 -1.71
N THR B 11 25.09 -7.29 -0.92
CA THR B 11 25.08 -8.71 -0.55
C THR B 11 23.72 -9.11 -0.03
N VAL B 12 23.25 -10.27 -0.49
CA VAL B 12 21.91 -10.79 -0.22
C VAL B 12 22.00 -12.02 0.66
N ILE B 13 21.26 -12.02 1.77
CA ILE B 13 21.21 -13.24 2.59
C ILE B 13 19.86 -13.90 2.38
N GLY B 14 19.90 -15.09 1.80
CA GLY B 14 18.69 -15.73 1.31
C GLY B 14 18.57 -15.67 -0.20
N GLY B 15 19.68 -15.39 -0.90
CA GLY B 15 19.71 -15.43 -2.35
C GLY B 15 19.26 -16.73 -2.98
N SER B 16 19.36 -17.84 -2.26
CA SER B 16 18.85 -19.14 -2.69
C SER B 16 17.36 -19.30 -2.48
N GLY B 17 16.70 -18.31 -1.90
CA GLY B 17 15.28 -18.37 -1.68
C GLY B 17 14.52 -17.87 -2.89
N PHE B 18 13.19 -17.97 -2.79
CA PHE B 18 12.30 -17.45 -3.83
C PHE B 18 12.58 -15.97 -4.09
N LEU B 19 12.63 -15.17 -3.03
CA LEU B 19 12.79 -13.73 -3.19
C LEU B 19 14.24 -13.32 -3.42
N GLY B 20 15.18 -14.01 -2.79
CA GLY B 20 16.57 -13.66 -2.97
C GLY B 20 16.97 -13.81 -4.42
N GLN B 21 16.55 -14.94 -5.00
CA GLN B 21 16.70 -15.19 -6.43
C GLN B 21 16.38 -13.93 -7.21
N HIS B 22 15.16 -13.42 -7.04
CA HIS B 22 14.73 -12.22 -7.75
C HIS B 22 15.55 -11.00 -7.34
N MET B 23 15.74 -10.81 -6.03
CA MET B 23 16.52 -9.69 -5.50
C MET B 23 17.81 -9.56 -6.30
N VAL B 24 18.56 -10.67 -6.40
CA VAL B 24 19.81 -10.67 -7.16
C VAL B 24 19.55 -10.24 -8.59
N GLU B 25 18.70 -11.01 -9.28
CA GLU B 25 18.25 -10.70 -10.63
C GLU B 25 18.11 -9.21 -10.83
N GLN B 26 17.08 -8.59 -10.23
CA GLN B 26 16.91 -7.15 -10.35
C GLN B 26 18.18 -6.38 -10.02
N LEU B 27 18.97 -6.85 -9.04
CA LEU B 27 20.09 -6.05 -8.56
C LEU B 27 21.22 -6.00 -9.60
N LEU B 28 21.53 -7.14 -10.23
CA LEU B 28 22.58 -7.12 -11.25
C LEU B 28 22.22 -6.18 -12.39
N ALA B 29 20.97 -6.23 -12.85
CA ALA B 29 20.59 -5.40 -13.99
C ALA B 29 20.86 -3.92 -13.71
N ARG B 30 20.72 -3.55 -12.44
CA ARG B 30 20.87 -2.13 -12.02
C ARG B 30 22.33 -1.70 -12.08
N GLY B 31 23.24 -2.67 -12.23
CA GLY B 31 24.66 -2.40 -12.32
C GLY B 31 25.36 -2.62 -11.00
N TYR B 32 25.13 -3.77 -10.37
CA TYR B 32 25.52 -3.97 -8.99
C TYR B 32 26.31 -5.26 -8.82
N ALA B 33 27.47 -5.14 -8.19
CA ALA B 33 28.29 -6.29 -7.83
C ALA B 33 27.61 -7.04 -6.69
N VAL B 34 26.73 -7.97 -7.04
CA VAL B 34 25.98 -8.73 -6.05
C VAL B 34 26.85 -9.85 -5.49
N ASN B 35 26.76 -10.07 -4.19
CA ASN B 35 27.25 -11.26 -3.55
C ASN B 35 26.10 -11.97 -2.85
N VAL B 36 26.03 -13.29 -3.00
CA VAL B 36 24.95 -14.08 -2.44
C VAL B 36 25.49 -14.91 -1.29
N PHE B 37 24.72 -14.98 -0.20
CA PHE B 37 25.06 -15.82 0.94
C PHE B 37 23.84 -16.62 1.36
N ASP B 38 23.99 -17.94 1.38
CA ASP B 38 22.90 -18.80 1.83
C ASP B 38 23.52 -20.11 2.33
N ILE B 39 22.66 -21.09 2.60
CA ILE B 39 23.17 -22.38 3.12
C ILE B 39 23.32 -23.37 1.96
N GLN B 40 22.57 -23.18 0.88
CA GLN B 40 22.66 -24.10 -0.28
C GLN B 40 23.05 -23.30 -1.52
N GLN B 41 23.08 -23.95 -2.68
CA GLN B 41 23.28 -23.19 -3.92
C GLN B 41 21.98 -23.39 -4.69
N GLY B 42 21.08 -22.41 -4.56
CA GLY B 42 19.75 -22.50 -5.19
C GLY B 42 19.85 -22.61 -6.70
N PHE B 43 20.73 -21.81 -7.30
CA PHE B 43 20.97 -21.83 -8.77
C PHE B 43 22.28 -21.15 -9.09
N ASP B 44 22.67 -21.24 -10.36
CA ASP B 44 23.90 -20.65 -10.86
C ASP B 44 23.59 -19.31 -11.52
N ASN B 45 24.55 -18.39 -11.44
CA ASN B 45 24.35 -17.08 -12.03
C ASN B 45 25.68 -16.44 -12.35
N PRO B 46 25.73 -15.53 -13.33
CA PRO B 46 27.01 -14.93 -13.72
C PRO B 46 27.33 -13.68 -12.92
N GLN B 47 28.61 -13.45 -12.69
CA GLN B 47 28.94 -12.16 -12.03
C GLN B 47 28.36 -12.10 -10.62
N VAL B 48 28.22 -13.23 -9.94
CA VAL B 48 27.74 -13.18 -8.57
C VAL B 48 28.48 -14.20 -7.70
N ARG B 49 29.48 -13.73 -6.96
CA ARG B 49 30.25 -14.63 -6.12
C ARG B 49 29.35 -15.18 -5.03
N PHE B 50 29.17 -16.50 -5.02
CA PHE B 50 28.33 -17.15 -4.02
C PHE B 50 29.16 -17.47 -2.78
N PHE B 51 28.61 -17.17 -1.61
CA PHE B 51 29.21 -17.54 -0.34
C PHE B 51 28.22 -18.43 0.40
N LEU B 52 28.73 -19.50 1.00
CA LEU B 52 27.90 -20.50 1.66
C LEU B 52 28.20 -20.52 3.15
N GLY B 53 27.18 -20.79 3.95
CA GLY B 53 27.39 -20.90 5.38
C GLY B 53 26.14 -20.60 6.16
N ASP B 54 26.18 -20.99 7.43
CA ASP B 54 25.18 -20.63 8.42
C ASP B 54 25.25 -19.13 8.72
N LEU B 55 24.07 -18.50 8.85
CA LEU B 55 24.04 -17.07 9.15
C LEU B 55 24.22 -16.78 10.64
N CYS B 56 24.01 -17.78 11.51
CA CYS B 56 24.21 -17.57 12.94
C CYS B 56 25.67 -17.38 13.28
N SER B 57 26.55 -17.89 12.43
CA SER B 57 27.99 -17.85 12.66
C SER B 57 28.57 -16.59 12.03
N ARG B 58 29.23 -15.76 12.86
CA ARG B 58 29.98 -14.64 12.29
C ARG B 58 31.05 -15.17 11.35
N GLN B 59 31.59 -16.33 11.69
CA GLN B 59 32.81 -16.81 11.07
C GLN B 59 32.49 -17.26 9.65
N ASP B 60 31.30 -17.84 9.47
CA ASP B 60 30.83 -18.17 8.12
C ASP B 60 30.18 -16.98 7.40
N LEU B 61 30.05 -15.82 8.06
CA LEU B 61 29.35 -14.70 7.46
C LEU B 61 30.29 -13.58 7.01
N TYR B 62 31.18 -13.11 7.90
CA TYR B 62 32.08 -12.01 7.58
C TYR B 62 32.76 -12.12 6.23
N PRO B 63 33.28 -13.29 5.82
CA PRO B 63 33.81 -13.41 4.45
C PRO B 63 32.86 -12.82 3.43
N ALA B 64 31.56 -12.90 3.68
CA ALA B 64 30.57 -12.50 2.68
C ALA B 64 30.21 -11.02 2.74
N LEU B 65 30.61 -10.31 3.80
CA LEU B 65 30.20 -8.92 3.94
C LEU B 65 31.32 -7.90 3.72
N LYS B 66 32.59 -8.24 3.98
CA LYS B 66 33.62 -7.21 3.89
C LYS B 66 33.81 -6.80 2.43
N GLY B 67 33.76 -5.49 2.19
CA GLY B 67 33.82 -4.96 0.83
C GLY B 67 32.57 -4.21 0.42
N VAL B 68 31.41 -4.60 0.96
CA VAL B 68 30.13 -4.12 0.43
C VAL B 68 29.57 -3.00 1.30
N ASN B 69 28.69 -2.20 0.71
CA ASN B 69 28.08 -1.07 1.40
C ASN B 69 26.58 -1.23 1.64
N THR B 70 25.99 -2.33 1.20
CA THR B 70 24.60 -2.63 1.49
C THR B 70 24.42 -4.14 1.65
N VAL B 71 23.58 -4.51 2.62
CA VAL B 71 23.20 -5.90 2.82
C VAL B 71 21.67 -6.00 2.75
N PHE B 72 21.18 -6.86 1.85
CA PHE B 72 19.78 -7.21 1.79
C PHE B 72 19.57 -8.51 2.56
N HIS B 73 18.85 -8.45 3.66
CA HIS B 73 18.62 -9.67 4.44
C HIS B 73 17.19 -10.09 4.14
N CYS B 74 17.06 -11.28 3.57
CA CYS B 74 15.80 -11.80 3.06
C CYS B 74 15.55 -13.21 3.58
N ALA B 75 16.57 -13.84 4.15
CA ALA B 75 16.52 -15.20 4.68
C ALA B 75 15.29 -15.51 5.51
N SER B 76 14.76 -16.73 5.35
CA SER B 76 13.61 -17.25 6.08
C SER B 76 13.35 -18.70 5.67
N PRO B 77 13.11 -19.59 6.62
CA PRO B 77 12.88 -21.01 6.29
C PRO B 77 11.44 -21.25 5.85
N PRO B 78 11.13 -22.45 5.30
CA PRO B 78 9.76 -22.68 4.79
C PRO B 78 8.78 -23.20 5.84
N ASN B 83 7.73 -24.30 14.97
CA ASN B 83 9.05 -24.67 15.44
C ASN B 83 9.80 -23.44 15.95
N LYS B 84 9.77 -23.23 17.28
CA LYS B 84 10.41 -22.08 17.93
C LYS B 84 11.87 -21.92 17.52
N GLU B 85 12.73 -22.84 17.95
CA GLU B 85 14.16 -22.68 17.72
C GLU B 85 14.47 -22.54 16.24
N LEU B 86 13.74 -23.26 15.38
CA LEU B 86 13.93 -23.17 13.95
C LEU B 86 13.51 -21.80 13.45
N PHE B 87 12.53 -21.19 14.13
CA PHE B 87 12.06 -19.88 13.72
C PHE B 87 12.78 -18.79 14.51
N TYR B 88 13.09 -19.08 15.78
CA TYR B 88 13.78 -18.11 16.62
C TYR B 88 15.21 -17.87 16.15
N ARG B 89 15.96 -18.96 15.93
CA ARG B 89 17.40 -18.81 15.63
C ARG B 89 17.62 -18.12 14.29
N VAL B 90 16.83 -18.46 13.27
CA VAL B 90 17.02 -17.89 11.94
C VAL B 90 16.64 -16.41 11.91
N ASN B 91 15.46 -16.06 12.40
CA ASN B 91 14.98 -14.69 12.30
C ASN B 91 15.49 -13.80 13.44
N TYR B 92 15.79 -14.37 14.61
CA TYR B 92 16.29 -13.54 15.70
C TYR B 92 17.80 -13.68 15.90
N ILE B 93 18.25 -14.86 16.32
CA ILE B 93 19.65 -15.03 16.72
C ILE B 93 20.58 -14.71 15.56
N GLY B 94 20.25 -15.20 14.36
CA GLY B 94 21.10 -14.96 13.21
C GLY B 94 21.00 -13.55 12.69
N THR B 95 19.89 -12.87 12.98
CA THR B 95 19.79 -11.47 12.58
C THR B 95 20.66 -10.60 13.47
N LYS B 96 20.72 -10.92 14.76
CA LYS B 96 21.60 -10.17 15.66
C LYS B 96 23.05 -10.36 15.25
N ASN B 97 23.39 -11.54 14.71
CA ASN B 97 24.71 -11.74 14.13
C ASN B 97 24.86 -11.03 12.79
N VAL B 98 23.78 -10.99 11.98
CA VAL B 98 23.83 -10.17 10.77
C VAL B 98 24.09 -8.72 11.13
N ILE B 99 23.54 -8.27 12.27
CA ILE B 99 23.78 -6.91 12.71
C ILE B 99 25.21 -6.77 13.21
N GLU B 100 25.68 -7.76 13.97
CA GLU B 100 27.00 -7.66 14.60
C GLU B 100 28.11 -7.60 13.56
N THR B 101 28.02 -8.44 12.52
CA THR B 101 29.11 -8.46 11.56
C THR B 101 28.86 -7.55 10.35
N CYS B 102 27.66 -6.98 10.20
CA CYS B 102 27.48 -5.85 9.30
C CYS B 102 28.26 -4.64 9.79
N LYS B 103 28.40 -4.49 11.11
CA LYS B 103 29.20 -3.41 11.65
C LYS B 103 30.69 -3.68 11.44
N GLU B 104 31.14 -4.89 11.79
CA GLU B 104 32.54 -5.25 11.64
C GLU B 104 33.01 -5.04 10.21
N ALA B 105 32.26 -5.61 9.25
CA ALA B 105 32.61 -5.52 7.84
C ALA B 105 32.39 -4.12 7.24
N GLY B 106 32.12 -3.11 8.07
CA GLY B 106 32.10 -1.74 7.57
C GLY B 106 30.97 -1.48 6.62
N VAL B 107 29.91 -2.29 6.68
CA VAL B 107 28.70 -2.07 5.92
C VAL B 107 28.00 -0.81 6.40
N GLN B 108 27.33 -0.12 5.46
CA GLN B 108 26.68 1.16 5.72
C GLN B 108 25.16 1.10 5.67
N LYS B 109 24.56 0.02 5.16
CA LYS B 109 23.13 0.02 4.83
C LYS B 109 22.62 -1.41 4.92
N LEU B 110 21.83 -1.71 5.95
CA LEU B 110 21.20 -3.04 6.09
C LEU B 110 19.69 -2.92 5.83
N ILE B 111 19.18 -3.62 4.82
CA ILE B 111 17.72 -3.57 4.52
C ILE B 111 17.07 -4.89 4.91
N LEU B 112 16.20 -4.88 5.92
CA LEU B 112 15.57 -6.13 6.36
C LEU B 112 14.28 -6.36 5.60
N THR B 113 14.01 -7.61 5.25
CA THR B 113 12.76 -7.99 4.57
C THR B 113 11.88 -8.64 5.64
N SER B 114 10.99 -7.86 6.25
CA SER B 114 10.08 -8.39 7.29
C SER B 114 8.72 -8.66 6.65
N SER B 115 7.64 -8.66 7.42
CA SER B 115 6.34 -8.95 6.77
C SER B 115 5.36 -7.82 7.04
N ALA B 116 4.09 -8.09 6.75
CA ALA B 116 2.99 -7.11 6.94
C ALA B 116 2.17 -7.55 8.14
N SER B 117 2.26 -8.82 8.50
CA SER B 117 1.47 -9.33 9.65
C SER B 117 1.90 -8.56 10.88
N VAL B 118 3.11 -8.04 10.86
CA VAL B 118 3.57 -7.42 12.10
C VAL B 118 2.75 -6.20 12.49
N ILE B 119 2.00 -5.62 11.55
CA ILE B 119 1.17 -4.46 11.89
C ILE B 119 0.02 -4.85 12.81
N PHE B 120 -0.28 -6.13 12.91
CA PHE B 120 -1.14 -6.58 13.99
C PHE B 120 -0.40 -6.42 15.32
N GLU B 121 -0.67 -5.29 15.97
CA GLU B 121 -0.11 -4.95 17.28
C GLU B 121 1.41 -5.07 17.33
N PRO B 138 -5.28 -15.03 16.44
CA PRO B 138 -4.07 -14.71 17.22
C PRO B 138 -2.82 -14.72 16.33
N ILE B 139 -1.81 -13.92 16.67
CA ILE B 139 -0.59 -13.84 15.87
C ILE B 139 0.23 -15.10 16.09
N ASP B 140 0.69 -15.70 14.98
CA ASP B 140 1.44 -16.95 15.03
C ASP B 140 2.82 -16.72 15.63
N TYR B 141 3.59 -17.81 15.74
CA TYR B 141 4.94 -17.66 16.28
C TYR B 141 5.91 -17.14 15.23
N TYR B 142 5.75 -17.56 13.96
CA TYR B 142 6.59 -17.01 12.89
C TYR B 142 6.58 -15.50 12.91
N THR B 143 5.44 -14.90 13.26
CA THR B 143 5.35 -13.45 13.28
C THR B 143 5.80 -12.87 14.62
N GLU B 144 5.75 -13.67 15.69
CA GLU B 144 6.39 -13.28 16.94
C GLU B 144 7.88 -13.03 16.70
N THR B 145 8.50 -13.78 15.79
CA THR B 145 9.90 -13.61 15.49
C THR B 145 10.15 -12.55 14.43
N LYS B 146 9.15 -12.18 13.63
CA LYS B 146 9.43 -11.13 12.68
C LYS B 146 9.37 -9.74 13.34
N ILE B 147 8.59 -9.58 14.42
CA ILE B 147 8.63 -8.32 15.16
C ILE B 147 9.94 -8.20 15.93
N LEU B 148 10.32 -9.25 16.66
CA LEU B 148 11.62 -9.31 17.32
C LEU B 148 12.73 -8.95 16.36
N GLN B 149 12.70 -9.53 15.16
CA GLN B 149 13.72 -9.26 14.16
C GLN B 149 13.74 -7.80 13.77
N GLU B 150 12.59 -7.30 13.31
CA GLU B 150 12.47 -5.91 12.87
C GLU B 150 12.94 -4.92 13.93
N ARG B 151 12.46 -5.08 15.16
CA ARG B 151 12.87 -4.23 16.26
C ARG B 151 14.39 -4.21 16.37
N ALA B 152 15.00 -5.38 16.56
CA ALA B 152 16.45 -5.52 16.49
C ALA B 152 17.04 -4.68 15.37
N VAL B 153 16.61 -4.95 14.15
CA VAL B 153 17.15 -4.22 13.01
C VAL B 153 16.87 -2.74 13.14
N LEU B 154 15.67 -2.37 13.55
CA LEU B 154 15.39 -0.95 13.65
C LEU B 154 16.09 -0.34 14.85
N GLY B 155 16.20 -1.10 15.93
CA GLY B 155 16.92 -0.60 17.09
C GLY B 155 18.36 -0.25 16.78
N ALA B 156 18.98 -0.98 15.86
CA ALA B 156 20.40 -0.84 15.54
C ALA B 156 20.71 0.32 14.62
N ASN B 157 19.70 1.05 14.14
CA ASN B 157 19.94 2.25 13.34
C ASN B 157 20.91 3.18 14.07
N ASP B 158 21.96 3.59 13.38
CA ASP B 158 23.06 4.28 14.04
C ASP B 158 23.74 5.22 13.05
N PRO B 159 23.07 6.32 12.67
CA PRO B 159 23.68 7.24 11.67
C PRO B 159 25.06 7.74 12.05
N GLU B 160 25.31 7.83 13.36
CA GLU B 160 26.58 8.33 13.88
C GLU B 160 27.76 7.43 13.54
N LYS B 161 27.63 6.13 13.79
CA LYS B 161 28.64 5.15 13.35
C LYS B 161 28.46 4.74 11.90
N ASN B 162 27.79 5.59 11.12
CA ASN B 162 27.57 5.39 9.66
C ASN B 162 26.97 4.00 9.38
N PHE B 163 25.90 3.65 10.07
CA PHE B 163 25.18 2.39 9.90
C PHE B 163 23.67 2.65 9.90
N LEU B 164 23.07 2.70 8.70
CA LEU B 164 21.63 2.96 8.56
C LEU B 164 20.88 1.65 8.27
N THR B 165 19.83 1.40 9.04
CA THR B 165 19.04 0.18 8.85
C THR B 165 17.63 0.54 8.40
N THR B 166 17.02 -0.34 7.60
CA THR B 166 15.63 -0.19 7.24
C THR B 166 14.95 -1.55 7.16
N ALA B 167 13.65 -1.56 7.46
CA ALA B 167 12.80 -2.74 7.36
C ALA B 167 11.76 -2.48 6.28
N ILE B 168 11.39 -3.53 5.54
CA ILE B 168 10.37 -3.46 4.49
C ILE B 168 9.38 -4.60 4.68
N ARG B 169 8.08 -4.27 4.65
CA ARG B 169 7.05 -5.23 4.98
C ARG B 169 6.26 -5.61 3.75
N PRO B 170 6.65 -6.65 3.02
CA PRO B 170 5.77 -7.18 1.98
C PRO B 170 4.83 -8.24 2.54
N HIS B 171 3.68 -8.38 1.90
CA HIS B 171 2.69 -9.37 2.41
C HIS B 171 2.99 -10.73 1.79
N GLY B 172 2.90 -11.80 2.56
CA GLY B 172 3.19 -13.13 2.01
C GLY B 172 4.67 -13.28 1.74
N ILE B 173 5.06 -14.05 0.73
CA ILE B 173 6.51 -14.22 0.44
C ILE B 173 6.84 -13.59 -0.90
N PRO B 179 -0.36 -14.49 6.61
CA PRO B 179 -0.98 -15.78 6.27
C PRO B 179 -2.39 -15.61 5.69
N GLN B 180 -3.41 -15.89 6.50
CA GLN B 180 -4.80 -15.74 6.00
C GLN B 180 -5.37 -14.40 6.46
N LEU B 181 -4.56 -13.55 7.09
CA LEU B 181 -5.06 -12.22 7.50
C LEU B 181 -4.05 -11.20 7.01
N VAL B 182 -4.49 -10.25 6.20
CA VAL B 182 -3.61 -9.27 5.58
C VAL B 182 -4.22 -7.87 5.59
N PRO B 183 -3.43 -6.84 5.90
CA PRO B 183 -3.90 -5.45 5.72
C PRO B 183 -4.10 -5.11 4.25
N ILE B 184 -5.26 -4.54 3.92
CA ILE B 184 -5.56 -4.09 2.57
C ILE B 184 -5.26 -2.62 2.38
N LEU B 185 -5.56 -1.79 3.39
CA LEU B 185 -5.43 -0.35 3.28
C LEU B 185 -4.69 0.19 4.51
N ILE B 186 -3.94 1.28 4.33
CA ILE B 186 -3.27 1.93 5.45
C ILE B 186 -3.59 3.42 5.41
N GLU B 187 -3.90 3.98 6.58
CA GLU B 187 -4.08 5.41 6.71
C GLU B 187 -2.85 6.16 6.24
N ALA B 188 -3.06 7.21 5.46
CA ALA B 188 -2.01 8.18 5.15
C ALA B 188 -2.28 9.43 5.98
N ALA B 189 -1.48 9.64 7.03
CA ALA B 189 -1.65 10.80 7.90
C ALA B 189 -1.79 12.07 7.09
N ARG B 190 -2.77 12.90 7.48
CA ARG B 190 -3.17 14.07 6.70
C ARG B 190 -2.24 15.26 6.89
N ASN B 191 -1.20 15.10 7.72
CA ASN B 191 -0.24 16.19 7.97
C ASN B 191 0.81 16.26 6.88
N GLY B 192 0.95 15.20 6.10
CA GLY B 192 2.21 14.91 5.46
C GLY B 192 3.29 14.53 6.44
N LYS B 193 2.91 14.09 7.64
CA LYS B 193 3.89 13.69 8.65
C LYS B 193 4.60 12.41 8.23
N MET B 194 3.88 11.49 7.60
CA MET B 194 4.47 10.25 7.12
C MET B 194 5.38 10.51 5.92
N LYS B 195 6.57 9.90 5.95
CA LYS B 195 7.44 9.90 4.79
C LYS B 195 7.04 8.77 3.84
N PHE B 196 7.35 8.97 2.57
CA PHE B 196 7.03 7.93 1.60
C PHE B 196 8.07 7.96 0.50
N VAL B 197 8.27 6.81 -0.13
CA VAL B 197 9.31 6.63 -1.13
C VAL B 197 8.68 6.76 -2.52
N ILE B 198 9.31 7.56 -3.38
CA ILE B 198 8.81 7.85 -4.72
C ILE B 198 9.64 7.11 -5.75
N GLY B 199 8.96 6.51 -6.72
CA GLY B 199 9.61 5.90 -7.86
C GLY B 199 9.14 6.45 -9.20
N ASN B 200 9.62 5.87 -10.30
CA ASN B 200 9.20 6.23 -11.65
C ASN B 200 8.51 5.02 -12.27
N GLY B 201 7.17 5.02 -12.26
CA GLY B 201 6.40 3.88 -12.71
C GLY B 201 6.35 3.66 -14.19
N LYS B 202 6.89 4.59 -14.98
CA LYS B 202 6.91 4.50 -16.43
C LYS B 202 7.84 3.38 -16.91
N ASN B 203 8.85 3.03 -16.11
CA ASN B 203 9.78 1.98 -16.50
C ASN B 203 9.31 0.61 -16.01
N LEU B 204 8.68 0.57 -14.85
CA LEU B 204 8.23 -0.68 -14.25
C LEU B 204 6.79 -1.01 -14.59
N VAL B 205 6.32 -0.58 -15.77
CA VAL B 205 4.96 -0.88 -16.23
C VAL B 205 4.71 -2.37 -16.36
N ASP B 206 5.76 -3.18 -16.50
CA ASP B 206 5.61 -4.60 -16.79
C ASP B 206 5.92 -5.51 -15.61
N PHE B 207 6.00 -4.97 -14.38
CA PHE B 207 6.52 -5.73 -13.26
C PHE B 207 5.45 -6.64 -12.64
N THR B 208 5.91 -7.71 -12.01
CA THR B 208 5.05 -8.64 -11.29
C THR B 208 5.15 -8.38 -9.80
N PHE B 209 4.27 -9.04 -9.04
CA PHE B 209 4.15 -8.83 -7.59
C PHE B 209 5.49 -8.95 -6.90
N VAL B 210 6.13 -10.11 -7.06
CA VAL B 210 7.48 -10.30 -6.54
C VAL B 210 8.42 -9.22 -7.02
N GLU B 211 8.32 -8.85 -8.30
CA GLU B 211 9.27 -7.87 -8.84
C GLU B 211 9.02 -6.49 -8.25
N ASN B 212 7.83 -6.25 -7.72
CA ASN B 212 7.56 -4.97 -7.07
C ASN B 212 8.04 -4.99 -5.62
N VAL B 213 7.98 -6.15 -4.98
CA VAL B 213 8.62 -6.33 -3.68
C VAL B 213 10.13 -6.02 -3.75
N VAL B 214 10.78 -6.45 -4.83
CA VAL B 214 12.20 -6.16 -4.97
C VAL B 214 12.42 -4.69 -5.27
N HIS B 215 11.67 -4.14 -6.22
CA HIS B 215 11.86 -2.74 -6.58
C HIS B 215 11.65 -1.86 -5.35
N GLY B 216 10.84 -2.32 -4.41
CA GLY B 216 10.69 -1.66 -3.13
C GLY B 216 11.97 -1.65 -2.33
N HIS B 217 12.52 -2.85 -2.09
CA HIS B 217 13.77 -2.96 -1.32
C HIS B 217 14.86 -2.08 -1.89
N ILE B 218 14.96 -2.02 -3.22
CA ILE B 218 16.06 -1.31 -3.85
C ILE B 218 15.87 0.18 -3.73
N LEU B 219 14.66 0.67 -4.00
CA LEU B 219 14.43 2.11 -4.00
C LEU B 219 14.70 2.71 -2.64
N ALA B 220 14.18 2.10 -1.58
CA ALA B 220 14.54 2.49 -0.23
C ALA B 220 16.04 2.44 -0.04
N ALA B 221 16.66 1.32 -0.42
CA ALA B 221 18.11 1.16 -0.31
C ALA B 221 18.85 2.35 -0.90
N GLU B 222 18.64 2.59 -2.20
CA GLU B 222 19.33 3.71 -2.83
C GLU B 222 18.84 5.05 -2.28
N GLN B 223 17.60 5.12 -1.78
CA GLN B 223 17.16 6.38 -1.19
C GLN B 223 17.64 6.58 0.25
N LEU B 224 17.96 5.50 0.96
CA LEU B 224 18.69 5.64 2.23
C LEU B 224 19.99 6.40 2.03
N SER B 225 20.67 6.16 0.89
CA SER B 225 21.97 6.77 0.64
C SER B 225 21.92 8.30 0.55
N ARG B 226 20.73 8.87 0.38
CA ARG B 226 20.53 10.31 0.41
C ARG B 226 20.04 10.80 1.77
N ASP B 227 18.99 10.19 2.32
CA ASP B 227 18.26 10.73 3.47
C ASP B 227 18.31 9.74 4.62
N SER B 228 19.15 10.04 5.62
CA SER B 228 19.28 9.21 6.82
C SER B 228 17.98 9.06 7.59
N THR B 229 17.02 9.95 7.38
CA THR B 229 15.73 9.88 8.07
C THR B 229 14.74 8.95 7.38
N LEU B 230 15.21 8.02 6.55
CA LEU B 230 14.48 6.76 6.40
C LEU B 230 14.96 5.75 7.43
N GLY B 231 16.19 5.92 7.94
CA GLY B 231 16.79 5.11 8.99
C GLY B 231 15.90 4.93 10.21
N GLY B 232 15.76 3.66 10.63
CA GLY B 232 14.89 3.29 11.72
C GLY B 232 13.46 2.94 11.33
N LYS B 233 13.06 3.18 10.09
CA LYS B 233 11.65 3.11 9.72
C LYS B 233 11.31 1.84 8.98
N ALA B 234 10.25 1.16 9.45
CA ALA B 234 9.54 0.14 8.68
C ALA B 234 8.77 0.79 7.53
N PHE B 235 8.40 -0.01 6.54
CA PHE B 235 7.76 0.53 5.33
C PHE B 235 6.86 -0.50 4.68
N HIS B 236 5.61 -0.11 4.41
CA HIS B 236 4.72 -0.90 3.57
C HIS B 236 4.88 -0.55 2.09
N ILE B 237 4.50 -1.49 1.23
CA ILE B 237 4.58 -1.30 -0.21
C ILE B 237 3.20 -0.91 -0.75
N LEU B 238 3.18 0.04 -1.68
CA LEU B 238 1.96 0.49 -2.32
C LEU B 238 1.78 -0.16 -3.69
N GLU B 239 0.57 -0.11 -4.22
CA GLU B 239 0.35 -0.57 -5.58
C GLU B 239 0.56 0.58 -6.56
N HIS B 240 0.67 0.21 -7.85
CA HIS B 240 0.83 1.15 -8.94
C HIS B 240 0.19 0.54 -10.18
N HIS B 241 -1.10 0.81 -10.33
CA HIS B 241 -2.02 0.10 -11.23
C HIS B 241 -1.68 -1.38 -11.36
#